data_7GV5
#
_entry.id   7GV5
#
_cell.length_a   67.660
_cell.length_b   67.660
_cell.length_c   166.650
_cell.angle_alpha   90.000
_cell.angle_beta   90.000
_cell.angle_gamma   120.000
#
_symmetry.space_group_name_H-M   'P 61 2 2'
#
loop_
_entity.id
_entity.type
_entity.pdbx_description
1 polymer 'B-cell lymphoma 6 protein'
2 polymer 'WVIP tetrapeptide'
3 non-polymer 5-[(5-bromo-2-chloropyrimidin-4-yl)amino]-1,3-dihydro-2H-indol-2-one
4 non-polymer 'CHLORIDE ION'
5 non-polymer 'DIMETHYL SULFOXIDE'
6 water water
#
loop_
_entity_poly.entity_id
_entity_poly.type
_entity_poly.pdbx_seq_one_letter_code
_entity_poly.pdbx_strand_id
1 'polypeptide(L)'
;GPGADSCIQFTRHASDVLLNLNRLRSRDILTDVVIVVSREQFRAHKTVLMACSGLFYSIFTDQLKCNLSVINLDPEINPE
GFCILLDFMYTSRLNLREGNIMAVMATAMYLQMEHVVDTCRKFIKASE
;
A
2 'polypeptide(L)' (ACE)WVIPA D
#
loop_
_chem_comp.id
_chem_comp.type
_chem_comp.name
_chem_comp.formula
A1ACA non-polymer 5-[(5-bromo-2-chloropyrimidin-4-yl)amino]-1,3-dihydro-2H-indol-2-one 'C12 H8 Br Cl N4 O'
ACE non-polymer 'ACETYL GROUP' 'C2 H4 O'
CL non-polymer 'CHLORIDE ION' 'Cl -1'
DMS non-polymer 'DIMETHYL SULFOXIDE' 'C2 H6 O S'
#
# COMPACT_ATOMS: atom_id res chain seq x y z
N ASP A 5 -29.37 2.52 10.25
CA ASP A 5 -29.36 2.29 11.69
C ASP A 5 -29.29 3.61 12.49
N SER A 6 -29.27 3.52 13.83
CA SER A 6 -29.16 4.67 14.72
C SER A 6 -27.72 4.77 15.32
N CYS A 7 -26.71 4.24 14.61
CA CYS A 7 -25.31 4.28 15.06
C CYS A 7 -24.77 5.70 15.20
N ILE A 8 -23.76 5.89 16.06
CA ILE A 8 -22.94 7.11 16.10
C ILE A 8 -21.61 6.71 15.45
N GLN A 9 -20.81 7.67 14.99
N GLN A 9 -20.92 7.69 14.88
CA GLN A 9 -19.54 7.30 14.36
CA GLN A 9 -19.68 7.44 14.15
C GLN A 9 -18.39 8.12 14.94
C GLN A 9 -18.52 8.21 14.76
N PHE A 10 -17.23 7.49 15.14
N PHE A 10 -17.38 7.54 14.91
CA PHE A 10 -16.05 8.20 15.62
CA PHE A 10 -16.17 8.13 15.45
C PHE A 10 -15.22 8.58 14.41
C PHE A 10 -15.35 8.54 14.26
N THR A 11 -15.27 9.86 14.02
CA THR A 11 -14.61 10.41 12.83
C THR A 11 -13.15 9.93 12.63
N ARG A 12 -12.33 10.01 13.69
CA ARG A 12 -10.90 9.68 13.60
C ARG A 12 -10.57 8.16 13.70
N HIS A 13 -11.58 7.29 13.85
CA HIS A 13 -11.31 5.87 14.08
C HIS A 13 -10.47 5.22 12.99
N ALA A 14 -10.89 5.37 11.71
CA ALA A 14 -10.16 4.71 10.59
C ALA A 14 -8.68 5.17 10.55
N SER A 15 -8.43 6.47 10.73
N SER A 15 -8.43 6.47 10.73
N SER A 15 -8.43 6.48 10.72
CA SER A 15 -7.09 7.03 10.71
CA SER A 15 -7.09 7.06 10.73
CA SER A 15 -7.07 7.02 10.70
C SER A 15 -6.26 6.51 11.88
C SER A 15 -6.26 6.53 11.89
C SER A 15 -6.25 6.52 11.89
N ASP A 16 -6.87 6.40 13.07
CA ASP A 16 -6.22 5.88 14.29
C ASP A 16 -5.85 4.40 14.09
N VAL A 17 -6.76 3.61 13.47
CA VAL A 17 -6.47 2.19 13.19
C VAL A 17 -5.24 2.09 12.27
N LEU A 18 -5.24 2.86 11.18
CA LEU A 18 -4.15 2.80 10.21
C LEU A 18 -2.81 3.23 10.85
N LEU A 19 -2.85 4.28 11.68
CA LEU A 19 -1.68 4.76 12.42
C LEU A 19 -1.13 3.61 13.27
N ASN A 20 -2.02 2.88 13.98
CA ASN A 20 -1.59 1.75 14.80
C ASN A 20 -1.04 0.59 13.97
N LEU A 21 -1.66 0.31 12.82
CA LEU A 21 -1.15 -0.74 11.93
C LEU A 21 0.25 -0.37 11.46
N ASN A 22 0.48 0.93 11.15
CA ASN A 22 1.83 1.38 10.74
C ASN A 22 2.85 1.23 11.89
N ARG A 23 2.42 1.48 13.14
CA ARG A 23 3.29 1.31 14.32
C ARG A 23 3.68 -0.17 14.44
N LEU A 24 2.74 -1.09 14.18
CA LEU A 24 3.04 -2.53 14.22
C LEU A 24 4.04 -2.86 13.12
N ARG A 25 3.83 -2.28 11.91
CA ARG A 25 4.77 -2.50 10.81
C ARG A 25 6.20 -2.04 11.19
N SER A 26 6.32 -0.82 11.72
N SER A 26 6.31 -0.82 11.75
N SER A 26 6.32 -0.82 11.72
CA SER A 26 7.61 -0.22 12.13
CA SER A 26 7.56 -0.17 12.19
CA SER A 26 7.61 -0.21 12.13
C SER A 26 8.37 -1.07 13.16
C SER A 26 8.34 -1.06 13.16
C SER A 26 8.36 -1.08 13.15
N ARG A 27 7.63 -1.75 14.07
CA ARG A 27 8.23 -2.62 15.10
C ARG A 27 8.26 -4.08 14.68
N ASP A 28 7.85 -4.36 13.43
CA ASP A 28 7.81 -5.70 12.83
C ASP A 28 6.91 -6.67 13.63
N ILE A 29 5.78 -6.18 14.13
CA ILE A 29 4.85 -6.99 14.94
C ILE A 29 3.76 -7.59 14.08
N LEU A 30 3.65 -8.94 14.13
CA LEU A 30 2.64 -9.73 13.43
C LEU A 30 2.67 -9.56 11.89
N THR A 31 3.82 -9.14 11.34
CA THR A 31 4.01 -9.12 9.89
C THR A 31 4.07 -10.59 9.48
N ASP A 32 3.40 -10.95 8.39
CA ASP A 32 3.25 -12.35 8.01
C ASP A 32 3.68 -12.66 6.59
N VAL A 33 4.31 -11.69 5.91
CA VAL A 33 4.80 -11.91 4.56
C VAL A 33 5.98 -10.99 4.26
N VAL A 34 6.89 -11.45 3.39
N VAL A 34 6.90 -11.44 3.39
CA VAL A 34 8.00 -10.68 2.86
CA VAL A 34 7.99 -10.61 2.90
C VAL A 34 7.68 -10.49 1.38
C VAL A 34 7.82 -10.49 1.38
N ILE A 35 7.79 -9.24 0.89
CA ILE A 35 7.62 -8.90 -0.53
C ILE A 35 9.03 -8.65 -1.04
N VAL A 36 9.45 -9.46 -2.01
CA VAL A 36 10.79 -9.35 -2.59
C VAL A 36 10.70 -8.57 -3.90
N VAL A 37 11.46 -7.47 -3.99
CA VAL A 37 11.50 -6.58 -5.15
C VAL A 37 12.97 -6.48 -5.50
N SER A 38 13.43 -7.38 -6.40
N SER A 38 13.38 -7.27 -6.51
CA SER A 38 14.83 -7.52 -6.81
CA SER A 38 14.74 -7.42 -7.03
C SER A 38 15.70 -7.90 -5.57
C SER A 38 15.77 -7.37 -5.89
N ARG A 39 16.69 -7.06 -5.20
N ARG A 39 15.70 -8.41 -5.04
CA ARG A 39 17.60 -7.29 -4.07
CA ARG A 39 16.50 -8.74 -3.85
C ARG A 39 17.02 -6.81 -2.73
C ARG A 39 16.16 -7.87 -2.62
N GLU A 40 15.85 -6.15 -2.76
N GLU A 40 15.58 -6.65 -2.81
CA GLU A 40 15.22 -5.63 -1.54
CA GLU A 40 15.15 -5.78 -1.71
C GLU A 40 14.08 -6.49 -1.03
C GLU A 40 13.92 -6.42 -1.05
N GLN A 41 13.90 -6.50 0.29
CA GLN A 41 12.86 -7.23 1.00
C GLN A 41 12.03 -6.26 1.83
N PHE A 42 10.69 -6.42 1.81
CA PHE A 42 9.79 -5.54 2.58
C PHE A 42 8.83 -6.41 3.35
N ARG A 43 8.83 -6.27 4.68
CA ARG A 43 7.93 -7.04 5.55
C ARG A 43 6.60 -6.28 5.67
N ALA A 44 5.47 -6.99 5.69
CA ALA A 44 4.17 -6.32 5.78
C ALA A 44 3.11 -7.28 6.31
N HIS A 45 1.89 -6.74 6.47
CA HIS A 45 0.73 -7.53 6.88
C HIS A 45 -0.06 -7.84 5.60
N LYS A 46 -0.32 -9.12 5.37
CA LYS A 46 -1.10 -9.55 4.19
C LYS A 46 -2.43 -8.79 4.11
N THR A 47 -3.14 -8.64 5.24
CA THR A 47 -4.45 -7.97 5.21
C THR A 47 -4.38 -6.54 4.73
N VAL A 48 -3.35 -5.80 5.16
CA VAL A 48 -3.21 -4.40 4.75
C VAL A 48 -2.90 -4.34 3.26
N LEU A 49 -1.99 -5.21 2.78
CA LEU A 49 -1.68 -5.26 1.35
C LEU A 49 -2.94 -5.53 0.51
N MET A 50 -3.76 -6.51 0.93
CA MET A 50 -5.01 -6.84 0.23
C MET A 50 -5.99 -5.69 0.25
N ALA A 51 -6.06 -4.96 1.37
CA ALA A 51 -6.98 -3.83 1.52
C ALA A 51 -6.61 -2.64 0.60
N CYS A 52 -5.34 -2.54 0.18
CA CYS A 52 -4.83 -1.44 -0.63
C CYS A 52 -4.59 -1.74 -2.10
N SER A 53 -4.42 -3.02 -2.47
CA SER A 53 -3.96 -3.40 -3.80
C SER A 53 -4.78 -4.51 -4.40
N GLY A 54 -5.25 -4.30 -5.62
CA GLY A 54 -6.01 -5.31 -6.35
C GLY A 54 -5.15 -6.53 -6.64
N LEU A 55 -3.83 -6.31 -6.87
CA LEU A 55 -2.90 -7.42 -7.10
C LEU A 55 -2.75 -8.29 -5.83
N PHE A 56 -2.47 -7.68 -4.66
CA PHE A 56 -2.33 -8.46 -3.42
C PHE A 56 -3.64 -9.11 -3.01
N TYR A 57 -4.77 -8.44 -3.29
CA TYR A 57 -6.08 -9.03 -3.00
C TYR A 57 -6.24 -10.36 -3.75
N SER A 58 -5.91 -10.36 -5.06
N SER A 58 -5.90 -10.35 -5.06
CA SER A 58 -5.98 -11.56 -5.91
CA SER A 58 -5.95 -11.54 -5.92
C SER A 58 -4.99 -12.64 -5.43
C SER A 58 -5.00 -12.62 -5.40
N ILE A 59 -3.74 -12.24 -5.07
CA ILE A 59 -2.70 -13.16 -4.59
C ILE A 59 -3.11 -13.86 -3.28
N PHE A 60 -3.51 -13.09 -2.27
CA PHE A 60 -3.78 -13.73 -0.99
C PHE A 60 -5.18 -14.34 -0.86
N THR A 61 -6.05 -14.23 -1.89
CA THR A 61 -7.33 -14.95 -1.89
C THR A 61 -7.17 -16.26 -2.66
N ASP A 62 -6.00 -16.46 -3.29
CA ASP A 62 -5.71 -17.71 -4.00
C ASP A 62 -5.40 -18.78 -2.94
N GLN A 63 -6.07 -19.94 -3.04
CA GLN A 63 -5.96 -21.05 -2.07
C GLN A 63 -4.53 -21.57 -1.86
N LEU A 64 -3.63 -21.45 -2.86
CA LEU A 64 -2.23 -21.85 -2.69
C LEU A 64 -1.36 -20.70 -2.22
N LYS A 65 -1.49 -19.52 -2.85
CA LYS A 65 -0.63 -18.37 -2.55
C LYS A 65 -0.93 -17.73 -1.21
N CYS A 66 -2.17 -17.89 -0.69
CA CYS A 66 -2.55 -17.33 0.62
C CYS A 66 -1.62 -17.82 1.74
N ASN A 67 -0.97 -18.99 1.54
CA ASN A 67 -0.09 -19.65 2.51
C ASN A 67 1.41 -19.37 2.34
N LEU A 68 1.77 -18.59 1.32
CA LEU A 68 3.18 -18.28 1.09
C LEU A 68 3.64 -17.19 2.04
N SER A 69 4.88 -17.31 2.55
N SER A 69 4.88 -17.32 2.54
CA SER A 69 5.47 -16.31 3.45
CA SER A 69 5.50 -16.34 3.45
C SER A 69 6.35 -15.34 2.65
C SER A 69 6.37 -15.35 2.65
N VAL A 70 6.66 -15.68 1.38
CA VAL A 70 7.48 -14.86 0.47
C VAL A 70 6.73 -14.70 -0.88
N ILE A 71 6.64 -13.46 -1.37
CA ILE A 71 6.06 -13.12 -2.68
C ILE A 71 7.12 -12.35 -3.46
N ASN A 72 7.48 -12.86 -4.66
CA ASN A 72 8.44 -12.22 -5.53
C ASN A 72 7.72 -11.40 -6.59
N LEU A 73 7.99 -10.09 -6.63
CA LEU A 73 7.38 -9.23 -7.64
C LEU A 73 8.13 -9.34 -8.97
N ASP A 74 7.49 -8.91 -10.05
CA ASP A 74 8.06 -8.90 -11.40
C ASP A 74 9.42 -8.16 -11.36
N PRO A 75 10.48 -8.66 -12.04
CA PRO A 75 11.79 -7.97 -11.96
C PRO A 75 11.83 -6.54 -12.47
N GLU A 76 10.83 -6.11 -13.27
CA GLU A 76 10.76 -4.75 -13.80
C GLU A 76 10.35 -3.76 -12.68
N ILE A 77 9.82 -4.25 -11.55
CA ILE A 77 9.37 -3.37 -10.46
C ILE A 77 10.54 -2.75 -9.73
N ASN A 78 10.49 -1.44 -9.59
CA ASN A 78 11.51 -0.65 -8.92
C ASN A 78 11.32 -0.71 -7.39
N PRO A 79 12.35 -1.11 -6.60
CA PRO A 79 12.20 -1.16 -5.14
C PRO A 79 11.81 0.16 -4.48
N GLU A 80 12.33 1.30 -5.00
CA GLU A 80 11.96 2.60 -4.42
C GLU A 80 10.47 2.91 -4.66
N GLY A 81 9.97 2.66 -5.88
CA GLY A 81 8.56 2.85 -6.20
C GLY A 81 7.70 2.00 -5.27
N PHE A 82 8.11 0.74 -5.06
CA PHE A 82 7.38 -0.15 -4.14
C PHE A 82 7.40 0.42 -2.71
N CYS A 83 8.57 0.83 -2.24
CA CYS A 83 8.72 1.39 -0.90
C CYS A 83 7.75 2.60 -0.66
N ILE A 84 7.69 3.52 -1.65
CA ILE A 84 6.83 4.71 -1.60
C ILE A 84 5.36 4.27 -1.50
N LEU A 85 4.99 3.26 -2.29
CA LEU A 85 3.61 2.75 -2.27
C LEU A 85 3.29 1.99 -0.99
N LEU A 86 4.24 1.22 -0.46
CA LEU A 86 4.03 0.53 0.83
C LEU A 86 3.81 1.58 1.93
N ASP A 87 4.63 2.64 1.96
CA ASP A 87 4.43 3.74 2.90
C ASP A 87 3.03 4.34 2.74
N PHE A 88 2.59 4.61 1.50
CA PHE A 88 1.24 5.14 1.24
C PHE A 88 0.16 4.21 1.81
N MET A 89 0.30 2.89 1.57
CA MET A 89 -0.71 1.95 2.08
C MET A 89 -0.95 2.09 3.58
N TYR A 90 0.15 2.25 4.35
CA TYR A 90 0.11 2.34 5.80
C TYR A 90 -0.08 3.72 6.36
N THR A 91 -0.08 4.76 5.51
CA THR A 91 -0.17 6.13 6.04
C THR A 91 -1.14 7.09 5.34
N SER A 92 -1.60 6.75 4.11
N SER A 92 -1.57 6.76 4.10
CA SER A 92 -2.42 7.61 3.21
CA SER A 92 -2.40 7.59 3.19
C SER A 92 -1.56 8.71 2.55
C SER A 92 -1.58 8.77 2.62
N ARG A 93 -0.24 8.81 2.91
N ARG A 93 -0.26 8.79 2.85
CA ARG A 93 0.61 9.85 2.34
CA ARG A 93 0.66 9.85 2.39
C ARG A 93 1.48 9.29 1.23
C ARG A 93 1.53 9.32 1.26
N LEU A 94 1.49 9.97 0.09
CA LEU A 94 2.25 9.56 -1.09
C LEU A 94 3.38 10.53 -1.36
N ASN A 95 4.63 10.03 -1.32
CA ASN A 95 5.81 10.87 -1.57
C ASN A 95 6.08 10.94 -3.09
N LEU A 96 5.25 11.68 -3.80
CA LEU A 96 5.32 11.81 -5.26
C LEU A 96 6.23 12.97 -5.64
N ARG A 97 7.30 12.68 -6.41
CA ARG A 97 8.31 13.67 -6.83
C ARG A 97 8.61 13.51 -8.31
N GLU A 98 9.07 14.58 -8.97
CA GLU A 98 9.42 14.53 -10.39
C GLU A 98 10.35 13.33 -10.72
N GLY A 99 11.32 13.08 -9.83
CA GLY A 99 12.28 12.00 -10.00
C GLY A 99 11.75 10.59 -9.78
N ASN A 100 10.58 10.44 -9.13
CA ASN A 100 10.07 9.09 -8.88
C ASN A 100 8.70 8.81 -9.51
N ILE A 101 8.02 9.85 -10.05
CA ILE A 101 6.64 9.71 -10.55
C ILE A 101 6.45 8.59 -11.58
N MET A 102 7.40 8.42 -12.52
CA MET A 102 7.27 7.34 -13.50
C MET A 102 7.31 5.95 -12.87
N ALA A 103 8.27 5.71 -11.92
CA ALA A 103 8.40 4.43 -11.21
C ALA A 103 7.18 4.20 -10.32
N VAL A 104 6.72 5.25 -9.62
CA VAL A 104 5.54 5.12 -8.74
C VAL A 104 4.30 4.75 -9.57
N MET A 105 4.04 5.45 -10.69
N MET A 105 4.04 5.44 -10.70
CA MET A 105 2.89 5.16 -11.55
CA MET A 105 2.87 5.12 -11.52
C MET A 105 2.92 3.73 -12.08
C MET A 105 2.92 3.70 -12.07
N ALA A 106 4.08 3.28 -12.59
CA ALA A 106 4.28 1.92 -13.14
C ALA A 106 4.03 0.86 -12.04
N THR A 107 4.55 1.13 -10.82
CA THR A 107 4.34 0.22 -9.68
C THR A 107 2.85 0.20 -9.28
N ALA A 108 2.17 1.38 -9.21
CA ALA A 108 0.75 1.46 -8.86
C ALA A 108 -0.12 0.74 -9.90
N MET A 109 0.27 0.81 -11.19
CA MET A 109 -0.50 0.08 -12.22
C MET A 109 -0.39 -1.45 -12.02
N TYR A 110 0.82 -1.94 -11.77
CA TYR A 110 1.11 -3.35 -11.53
C TYR A 110 0.37 -3.81 -10.24
N LEU A 111 0.42 -3.00 -9.18
CA LEU A 111 -0.23 -3.33 -7.91
C LEU A 111 -1.75 -3.15 -7.93
N GLN A 112 -2.27 -2.49 -8.97
CA GLN A 112 -3.71 -2.21 -9.10
C GLN A 112 -4.20 -1.32 -7.96
N MET A 113 -3.59 -0.14 -7.86
CA MET A 113 -3.91 0.92 -6.87
C MET A 113 -4.44 2.10 -7.67
N GLU A 114 -5.71 2.00 -8.05
CA GLU A 114 -6.41 2.94 -8.96
C GLU A 114 -6.30 4.42 -8.59
N HIS A 115 -6.47 4.79 -7.31
CA HIS A 115 -6.39 6.21 -6.93
C HIS A 115 -4.99 6.79 -7.11
N VAL A 116 -3.95 5.99 -6.82
CA VAL A 116 -2.55 6.42 -7.01
C VAL A 116 -2.28 6.62 -8.51
N VAL A 117 -2.70 5.64 -9.35
CA VAL A 117 -2.55 5.73 -10.82
C VAL A 117 -3.18 7.05 -11.34
N ASP A 118 -4.41 7.36 -10.88
N ASP A 118 -4.45 7.32 -10.95
CA ASP A 118 -5.16 8.56 -11.25
CA ASP A 118 -5.23 8.50 -11.34
C ASP A 118 -4.40 9.85 -10.91
C ASP A 118 -4.49 9.81 -11.06
N THR A 119 -3.86 9.99 -9.66
N THR A 119 -3.93 9.96 -9.84
CA THR A 119 -3.12 11.23 -9.32
CA THR A 119 -3.22 11.18 -9.43
C THR A 119 -1.81 11.34 -10.10
C THR A 119 -1.88 11.32 -10.17
N CYS A 120 -1.16 10.20 -10.40
CA CYS A 120 0.10 10.19 -11.17
C CYS A 120 -0.16 10.70 -12.57
N ARG A 121 -1.25 10.19 -13.22
N ARG A 121 -1.23 10.18 -13.23
CA ARG A 121 -1.69 10.58 -14.56
CA ARG A 121 -1.63 10.59 -14.58
C ARG A 121 -1.94 12.09 -14.63
C ARG A 121 -1.93 12.10 -14.64
N LYS A 122 -2.60 12.65 -13.60
CA LYS A 122 -2.94 14.07 -13.51
C LYS A 122 -1.69 14.94 -13.33
N PHE A 123 -0.76 14.51 -12.45
CA PHE A 123 0.50 15.25 -12.21
C PHE A 123 1.37 15.22 -13.45
N ILE A 124 1.39 14.09 -14.18
CA ILE A 124 2.16 13.97 -15.44
C ILE A 124 1.57 14.89 -16.53
N LYS A 125 0.23 14.90 -16.69
CA LYS A 125 -0.48 15.74 -17.67
C LYS A 125 -0.22 17.23 -17.43
N ALA A 126 -0.10 17.65 -16.15
CA ALA A 126 0.17 19.05 -15.81
C ALA A 126 1.57 19.52 -16.23
N SER A 127 2.57 18.63 -16.21
CA SER A 127 3.96 18.97 -16.54
C SER A 127 4.29 18.96 -18.05
N GLU A 128 3.42 18.35 -18.89
CA GLU A 128 3.63 18.27 -20.34
C GLU A 128 3.33 19.60 -21.08
C ACE B 1 -16.17 12.29 17.39
O ACE B 1 -15.91 11.62 16.39
CH3 ACE B 1 -15.13 13.24 17.99
N TRP B 2 -17.36 12.28 18.00
N TRP B 2 -17.35 12.26 18.01
CA TRP B 2 -18.47 11.43 17.58
CA TRP B 2 -18.47 11.44 17.54
C TRP B 2 -19.49 12.27 16.81
C TRP B 2 -19.41 12.32 16.71
N VAL B 3 -20.08 11.71 15.73
CA VAL B 3 -21.06 12.40 14.87
C VAL B 3 -22.22 11.46 14.54
N ILE B 4 -23.30 12.04 13.99
CA ILE B 4 -24.41 11.31 13.40
C ILE B 4 -23.94 11.07 11.95
N PRO B 5 -23.66 9.81 11.54
CA PRO B 5 -23.17 9.58 10.17
C PRO B 5 -24.24 9.79 9.09
N ALA B 6 -23.81 10.15 7.87
C4 A1ACA C . -8.90 -4.49 -3.07
C5 A1ACA C . -9.38 -4.92 -4.31
C6 A1ACA C . -9.19 -4.16 -5.46
C7 A1ACA C . -8.54 -2.94 -5.35
C8 A1ACA C . -7.63 -0.89 -5.83
C10 A1ACA C . -8.11 -2.46 -4.11
C1 A1ACA C . -11.81 -6.91 0.02
C2 A1ACA C . -10.57 -6.40 -0.27
C3 A1ACA C . -10.41 -5.69 -1.48
C9 A1ACA C . -7.49 -1.12 -4.34
O A1ACA C . -7.27 0.08 -6.46
N2 A1ACA C . -8.24 -2.00 -6.35
C11 A1ACA C . -8.29 -3.23 -2.97
N1 A1ACA C . -9.23 -5.10 -1.85
N3 A1ACA C . -11.47 -5.51 -2.28
C A1ACA C . -12.61 -6.04 -1.87
CL A1ACA C . -13.97 -5.76 -2.91
BR A1ACA C . -9.14 -6.65 0.91
N A1ACA C . -12.88 -6.74 -0.78
CL CL D . -5.00 3.64 -4.35
S DMS E . -24.04 12.96 18.87
O DMS E . -24.19 13.86 17.75
C1 DMS E . -22.72 11.88 18.36
C2 DMS E . -23.16 13.91 20.07
#